data_4O1J
#
_entry.id   4O1J
#
_cell.length_a   70.080
_cell.length_b   80.720
_cell.length_c   82.350
_cell.angle_alpha   90.000
_cell.angle_beta   90.000
_cell.angle_gamma   90.000
#
_symmetry.space_group_name_H-M   'P 21 21 2'
#
loop_
_entity.id
_entity.type
_entity.pdbx_description
1 polymer 'Carbonic anhydrase'
2 non-polymer 'ZINC ION'
3 non-polymer 'CHLORIDE ION'
4 water water
#
_entity_poly.entity_id   1
_entity_poly.type   'polypeptide(L)'
_entity_poly.pdbx_seq_one_letter_code
;MRGSHHHHHHGSSPENTFHYALSSNNAWAGYKAHQNPHFFPKLAGGQAPEILWIGCSDSRCPETTILGMQPGDVFVHRNI
ANIVSPTDINTTAVIEYAVAHLKVKHIVLCGHSACGGAAGALSDGRIGGVLDTWLLPLKTVRYNHAEELDAITDEKERVI
RIAQLNVEAGIKVLMNNPTIREAIAERGLEVHGVFFDIGCGRIKELGCGTAHKSSSTISGDHVVRGKHGQLVFGQDGEAE
IAAAQAMGRPAAKLN
;
_entity_poly.pdbx_strand_id   A,B
#
# COMPACT_ATOMS: atom_id res chain seq x y z
N GLU A 15 27.67 19.86 15.30
CA GLU A 15 28.08 18.46 15.32
C GLU A 15 28.10 17.93 16.74
N ASN A 16 27.97 18.86 17.68
CA ASN A 16 28.10 18.61 19.11
C ASN A 16 27.28 17.43 19.63
N THR A 17 25.97 17.42 19.38
CA THR A 17 25.09 16.34 19.86
C THR A 17 25.39 14.97 19.25
N PHE A 18 25.81 14.97 17.99
CA PHE A 18 26.24 13.73 17.34
C PHE A 18 27.52 13.17 17.98
N HIS A 19 28.47 14.07 18.26
CA HIS A 19 29.73 13.66 18.86
C HIS A 19 29.51 13.20 20.30
N TYR A 20 28.52 13.82 20.96
CA TYR A 20 28.13 13.39 22.29
C TYR A 20 27.53 11.98 22.20
N ALA A 21 26.79 11.72 21.13
CA ALA A 21 26.20 10.38 20.94
C ALA A 21 27.29 9.31 20.74
N LEU A 22 28.35 9.68 20.03
CA LEU A 22 29.47 8.76 19.85
C LEU A 22 30.20 8.52 21.18
N SER A 23 30.38 9.59 21.93
CA SER A 23 31.00 9.51 23.25
C SER A 23 30.21 8.61 24.21
N SER A 24 28.89 8.78 24.23
CA SER A 24 28.02 8.01 25.11
C SER A 24 27.99 6.57 24.67
N ASN A 25 28.12 6.36 23.37
CA ASN A 25 28.22 5.00 22.86
C ASN A 25 29.47 4.34 23.41
N ASN A 26 30.60 5.04 23.33
CA ASN A 26 31.84 4.49 23.84
C ASN A 26 31.78 4.22 25.35
N ALA A 27 31.07 5.07 26.07
CA ALA A 27 30.94 4.90 27.52
C ALA A 27 30.08 3.68 27.85
N TRP A 28 28.96 3.56 27.14
CA TRP A 28 28.04 2.44 27.30
C TRP A 28 28.73 1.13 26.97
N ALA A 29 29.54 1.16 25.91
CA ALA A 29 30.29 -0.02 25.50
C ALA A 29 31.35 -0.40 26.54
N GLY A 30 32.01 0.60 27.12
CA GLY A 30 32.99 0.34 28.16
C GLY A 30 32.34 -0.31 29.37
N TYR A 31 31.20 0.23 29.77
CA TYR A 31 30.44 -0.28 30.92
C TYR A 31 29.89 -1.69 30.70
N LYS A 32 29.24 -1.90 29.55
CA LYS A 32 28.72 -3.20 29.16
C LYS A 32 29.83 -4.24 29.07
N ALA A 33 31.00 -3.81 28.61
CA ALA A 33 32.13 -4.71 28.45
C ALA A 33 32.79 -5.06 29.78
N HIS A 34 32.72 -4.16 30.76
CA HIS A 34 33.23 -4.51 32.08
C HIS A 34 32.26 -5.41 32.84
N GLN A 35 30.96 -5.12 32.71
CA GLN A 35 29.93 -5.93 33.34
C GLN A 35 30.00 -7.38 32.88
N ASN A 36 30.14 -7.56 31.56
CA ASN A 36 30.22 -8.87 30.92
C ASN A 36 31.22 -8.87 29.78
N PRO A 37 32.42 -9.42 30.00
CA PRO A 37 33.45 -9.48 28.96
C PRO A 37 33.06 -10.37 27.77
N HIS A 38 32.00 -11.16 27.91
CA HIS A 38 31.59 -12.06 26.82
C HIS A 38 30.31 -11.60 26.14
N PHE A 39 29.80 -10.46 26.58
CA PHE A 39 28.54 -9.93 26.06
C PHE A 39 28.66 -9.62 24.56
N PHE A 40 29.66 -8.83 24.22
CA PHE A 40 29.88 -8.43 22.83
C PHE A 40 30.37 -9.55 21.90
N PRO A 41 31.33 -10.39 22.36
CA PRO A 41 31.71 -11.47 21.46
C PRO A 41 30.56 -12.43 21.17
N LYS A 42 29.69 -12.63 22.15
CA LYS A 42 28.54 -13.51 21.96
C LYS A 42 27.49 -12.82 21.08
N LEU A 43 27.39 -11.51 21.20
CA LEU A 43 26.50 -10.73 20.33
C LEU A 43 26.90 -10.85 18.87
N ALA A 44 28.21 -10.80 18.64
CA ALA A 44 28.73 -10.83 17.28
C ALA A 44 28.59 -12.20 16.63
N GLY A 45 28.28 -13.22 17.45
CA GLY A 45 28.15 -14.57 16.95
C GLY A 45 26.90 -14.81 16.13
N GLY A 46 25.83 -14.11 16.46
CA GLY A 46 24.58 -14.25 15.75
C GLY A 46 23.46 -13.73 16.59
N GLN A 47 22.24 -13.80 16.08
CA GLN A 47 21.09 -13.31 16.82
C GLN A 47 19.97 -14.34 16.82
N ALA A 48 19.20 -14.33 17.90
CA ALA A 48 18.02 -15.18 17.99
C ALA A 48 16.86 -14.45 18.67
N PRO A 49 16.41 -13.32 18.10
CA PRO A 49 15.33 -12.57 18.72
C PRO A 49 14.02 -13.34 18.63
N GLU A 50 13.15 -13.18 19.61
CA GLU A 50 11.91 -13.93 19.60
C GLU A 50 10.75 -13.02 19.26
N ILE A 51 11.04 -11.72 19.16
CA ILE A 51 10.00 -10.74 18.87
C ILE A 51 10.39 -9.87 17.68
N LEU A 52 9.45 -9.72 16.75
CA LEU A 52 9.46 -8.68 15.74
C LEU A 52 8.58 -7.55 16.25
N TRP A 53 9.16 -6.37 16.35
CA TRP A 53 8.46 -5.18 16.80
C TRP A 53 8.21 -4.25 15.62
N ILE A 54 6.95 -3.90 15.37
CA ILE A 54 6.64 -2.87 14.37
C ILE A 54 6.07 -1.66 15.07
N GLY A 55 6.81 -0.55 15.04
CA GLY A 55 6.38 0.64 15.74
C GLY A 55 6.56 1.96 15.03
N CYS A 56 6.17 3.02 15.74
CA CYS A 56 6.30 4.37 15.21
C CYS A 56 7.71 4.87 15.39
N SER A 57 8.18 5.65 14.42
CA SER A 57 9.51 6.22 14.42
C SER A 57 9.77 7.16 15.58
N ASP A 58 8.68 7.56 16.24
CA ASP A 58 8.67 8.47 17.39
C ASP A 58 9.88 8.26 18.31
N SER A 59 10.52 9.35 18.69
CA SER A 59 11.73 9.27 19.50
C SER A 59 11.43 8.74 20.90
N ARG A 60 10.16 8.83 21.29
CA ARG A 60 9.77 8.43 22.62
C ARG A 60 9.40 6.94 22.70
N CYS A 61 9.58 6.22 21.59
CA CYS A 61 9.19 4.81 21.56
C CYS A 61 10.30 3.82 21.20
N PRO A 62 11.47 3.86 21.87
CA PRO A 62 12.48 2.84 21.55
C PRO A 62 12.16 1.49 22.19
N GLU A 63 11.79 0.53 21.36
CA GLU A 63 11.28 -0.78 21.81
C GLU A 63 12.14 -1.46 22.87
N THR A 64 13.45 -1.40 22.71
CA THR A 64 14.35 -2.19 23.56
C THR A 64 14.47 -1.57 24.95
N THR A 65 14.32 -0.25 25.02
CA THR A 65 14.36 0.44 26.32
C THR A 65 13.06 0.27 27.10
N ILE A 66 11.94 0.52 26.43
CA ILE A 66 10.64 0.53 27.10
C ILE A 66 10.18 -0.88 27.46
N LEU A 67 10.75 -1.88 26.80
CA LEU A 67 10.44 -3.26 27.13
C LEU A 67 11.45 -3.78 28.14
N GLY A 68 12.43 -2.94 28.48
CA GLY A 68 13.45 -3.30 29.45
C GLY A 68 14.19 -4.57 29.08
N MET A 69 14.54 -4.69 27.79
CA MET A 69 15.26 -5.86 27.31
C MET A 69 16.62 -5.45 26.78
N GLN A 70 17.35 -6.42 26.23
CA GLN A 70 18.75 -6.20 25.89
C GLN A 70 18.94 -6.25 24.37
N PRO A 71 20.01 -5.62 23.86
CA PRO A 71 20.30 -5.77 22.42
C PRO A 71 20.49 -7.23 22.04
N GLY A 72 19.69 -7.69 21.08
CA GLY A 72 19.78 -9.04 20.57
C GLY A 72 18.51 -9.86 20.69
N ASP A 73 17.45 -9.27 21.25
CA ASP A 73 16.22 -10.04 21.43
C ASP A 73 14.98 -9.38 20.83
N VAL A 74 15.13 -8.18 20.27
CA VAL A 74 14.02 -7.56 19.54
C VAL A 74 14.43 -7.07 18.13
N PHE A 75 13.87 -7.72 17.12
CA PHE A 75 14.06 -7.36 15.71
C PHE A 75 13.03 -6.31 15.32
N VAL A 76 13.42 -5.14 14.83
CA VAL A 76 12.41 -4.08 14.72
C VAL A 76 12.33 -3.35 13.37
N HIS A 77 11.10 -3.00 13.01
CA HIS A 77 10.82 -2.07 11.92
C HIS A 77 10.04 -0.90 12.50
N ARG A 78 10.46 0.31 12.13
CA ARG A 78 9.81 1.52 12.59
C ARG A 78 9.59 2.49 11.45
N ASN A 79 8.37 3.00 11.36
CA ASN A 79 8.07 4.02 10.37
C ASN A 79 7.12 5.06 10.95
N ILE A 80 6.70 6.01 10.11
CA ILE A 80 5.76 7.03 10.55
C ILE A 80 4.41 6.43 10.92
N ALA A 81 4.04 6.58 12.20
CA ALA A 81 2.74 6.18 12.72
C ALA A 81 2.51 4.67 12.68
N ASN A 82 3.62 3.91 12.69
CA ASN A 82 3.61 2.43 12.65
C ASN A 82 2.58 1.82 11.72
N ILE A 83 2.60 2.27 10.47
CA ILE A 83 1.61 1.84 9.50
C ILE A 83 2.06 0.60 8.73
N VAL A 84 1.22 -0.42 8.73
CA VAL A 84 1.49 -1.64 7.97
C VAL A 84 0.63 -1.66 6.71
N SER A 85 1.27 -1.41 5.57
CA SER A 85 0.58 -1.36 4.30
C SER A 85 0.83 -2.65 3.53
N PRO A 86 -0.22 -3.19 2.89
CA PRO A 86 -0.15 -4.45 2.15
C PRO A 86 0.95 -4.53 1.09
N THR A 87 1.11 -3.51 0.27
CA THR A 87 2.08 -3.59 -0.83
C THR A 87 3.41 -2.92 -0.52
N ASP A 88 3.56 -2.38 0.68
CA ASP A 88 4.82 -1.71 1.03
C ASP A 88 5.94 -2.74 1.13
N ILE A 89 6.94 -2.61 0.28
CA ILE A 89 7.99 -3.62 0.17
C ILE A 89 8.98 -3.51 1.33
N ASN A 90 9.16 -2.29 1.84
CA ASN A 90 10.05 -2.03 2.95
C ASN A 90 9.67 -2.83 4.19
N THR A 91 8.40 -2.74 4.59
CA THR A 91 7.89 -3.42 5.78
C THR A 91 7.85 -4.93 5.54
N THR A 92 7.43 -5.31 4.34
CA THR A 92 7.27 -6.71 3.97
C THR A 92 8.61 -7.44 3.98
N ALA A 93 9.68 -6.72 3.69
CA ALA A 93 11.02 -7.31 3.76
C ALA A 93 11.39 -7.65 5.19
N VAL A 94 11.10 -6.74 6.12
CA VAL A 94 11.43 -6.95 7.53
C VAL A 94 10.61 -8.11 8.07
N ILE A 95 9.33 -8.14 7.72
CA ILE A 95 8.46 -9.22 8.14
C ILE A 95 8.92 -10.56 7.58
N GLU A 96 9.27 -10.60 6.29
CA GLU A 96 9.72 -11.84 5.70
C GLU A 96 11.00 -12.36 6.34
N TYR A 97 11.94 -11.46 6.58
CA TYR A 97 13.21 -11.86 7.18
C TYR A 97 13.02 -12.33 8.61
N ALA A 98 12.14 -11.63 9.34
CA ALA A 98 11.89 -11.95 10.73
C ALA A 98 11.18 -13.28 10.91
N VAL A 99 10.21 -13.55 10.03
CA VAL A 99 9.34 -14.71 10.20
C VAL A 99 9.93 -15.95 9.54
N ALA A 100 10.50 -15.80 8.35
CA ALA A 100 10.97 -16.97 7.60
C ALA A 100 12.45 -17.32 7.83
N HIS A 101 13.23 -16.38 8.33
CA HIS A 101 14.67 -16.63 8.48
C HIS A 101 15.10 -16.71 9.93
N LEU A 102 14.63 -15.77 10.75
CA LEU A 102 14.97 -15.73 12.16
C LEU A 102 13.99 -16.56 13.00
N LYS A 103 12.84 -16.86 12.42
CA LYS A 103 11.79 -17.64 13.07
C LYS A 103 11.31 -17.01 14.38
N VAL A 104 11.02 -15.72 14.36
CA VAL A 104 10.50 -15.06 15.55
C VAL A 104 9.17 -15.67 15.93
N LYS A 105 8.86 -15.66 17.21
CA LYS A 105 7.66 -16.34 17.70
C LYS A 105 6.52 -15.36 17.96
N HIS A 106 6.85 -14.07 18.01
CA HIS A 106 5.88 -13.03 18.30
C HIS A 106 6.03 -11.83 17.37
N ILE A 107 4.92 -11.29 16.90
CA ILE A 107 4.90 -10.05 16.15
C ILE A 107 4.05 -9.04 16.89
N VAL A 108 4.69 -7.93 17.28
CA VAL A 108 4.06 -6.92 18.09
C VAL A 108 3.86 -5.62 17.31
N LEU A 109 2.61 -5.32 16.98
CA LEU A 109 2.32 -4.04 16.35
C LEU A 109 1.98 -3.06 17.44
N CYS A 110 2.84 -2.07 17.63
CA CYS A 110 2.66 -1.15 18.74
C CYS A 110 2.31 0.25 18.31
N GLY A 111 1.11 0.69 18.69
CA GLY A 111 0.75 2.08 18.48
C GLY A 111 0.97 2.83 19.79
N HIS A 112 0.91 4.16 19.74
CA HIS A 112 1.15 4.95 20.94
C HIS A 112 0.36 6.26 20.97
N SER A 113 0.32 6.86 22.16
CA SER A 113 -0.34 8.13 22.38
C SER A 113 0.51 9.31 21.90
N ALA A 114 -0.14 10.43 21.58
CA ALA A 114 0.51 11.64 21.07
C ALA A 114 1.26 11.35 19.76
N CYS A 115 0.66 10.50 18.93
CA CYS A 115 1.24 10.18 17.64
C CYS A 115 1.01 11.33 16.65
N GLY A 116 2.10 11.85 16.10
CA GLY A 116 2.05 12.97 15.18
C GLY A 116 1.38 12.61 13.87
N GLY A 117 1.59 11.37 13.42
CA GLY A 117 1.00 10.91 12.17
C GLY A 117 -0.50 10.78 12.32
N ALA A 118 -0.92 10.30 13.49
CA ALA A 118 -2.33 10.20 13.83
C ALA A 118 -3.02 11.56 13.79
N ALA A 119 -2.42 12.53 14.49
CA ALA A 119 -2.90 13.91 14.50
C ALA A 119 -2.94 14.50 13.09
N GLY A 120 -1.93 14.18 12.30
CA GLY A 120 -1.87 14.62 10.92
C GLY A 120 -3.03 14.07 10.13
N ALA A 121 -3.37 12.81 10.39
CA ALA A 121 -4.49 12.18 9.69
C ALA A 121 -5.82 12.80 10.14
N LEU A 122 -5.87 13.29 11.38
CA LEU A 122 -7.10 13.91 11.88
C LEU A 122 -7.32 15.33 11.35
N SER A 123 -6.24 16.04 11.05
CA SER A 123 -6.38 17.38 10.48
C SER A 123 -6.82 17.27 9.03
N ASP A 124 -7.32 18.35 8.46
CA ASP A 124 -7.76 18.33 7.07
C ASP A 124 -6.87 19.11 6.10
N GLY A 125 -5.71 19.55 6.57
CA GLY A 125 -4.80 20.29 5.73
C GLY A 125 -3.85 19.34 5.04
N ARG A 126 -3.23 19.80 3.95
CA ARG A 126 -2.17 19.02 3.32
C ARG A 126 -0.94 19.08 4.22
N ILE A 127 -0.43 17.92 4.59
CA ILE A 127 0.78 17.86 5.38
C ILE A 127 1.97 18.12 4.46
N GLY A 128 1.79 17.88 3.18
CA GLY A 128 2.80 18.15 2.18
C GLY A 128 3.72 16.98 1.89
N GLY A 129 4.41 17.08 0.76
CA GLY A 129 5.33 16.06 0.31
C GLY A 129 4.68 14.70 0.17
N VAL A 130 5.44 13.69 0.58
CA VAL A 130 5.04 12.30 0.48
C VAL A 130 4.06 11.87 1.58
N LEU A 131 4.00 12.66 2.65
CA LEU A 131 3.30 12.27 3.89
C LEU A 131 1.80 12.02 3.77
N ASP A 132 1.10 12.76 2.91
CA ASP A 132 -0.33 12.52 2.72
C ASP A 132 -0.58 11.14 2.14
N THR A 133 0.33 10.71 1.28
CA THR A 133 0.22 9.40 0.64
C THR A 133 0.57 8.30 1.63
N TRP A 134 1.61 8.50 2.42
CA TRP A 134 1.98 7.48 3.41
C TRP A 134 0.87 7.34 4.45
N LEU A 135 0.32 8.47 4.88
CA LEU A 135 -0.73 8.48 5.89
C LEU A 135 -2.10 8.18 5.33
N LEU A 136 -2.19 7.95 4.01
CA LEU A 136 -3.50 7.69 3.40
C LEU A 136 -4.29 6.54 4.05
N PRO A 137 -3.63 5.41 4.39
CA PRO A 137 -4.43 4.36 5.04
C PRO A 137 -4.90 4.72 6.46
N LEU A 138 -4.25 5.69 7.09
CA LEU A 138 -4.70 6.21 8.39
C LEU A 138 -5.84 7.20 8.18
N LYS A 139 -5.75 7.97 7.10
CA LYS A 139 -6.82 8.88 6.70
C LYS A 139 -8.05 8.07 6.31
N THR A 140 -7.82 6.87 5.77
CA THR A 140 -8.92 5.98 5.42
C THR A 140 -9.62 5.47 6.67
N VAL A 141 -8.86 5.17 7.71
CA VAL A 141 -9.42 4.77 9.00
C VAL A 141 -10.18 5.95 9.60
N ARG A 142 -9.70 7.17 9.35
CA ARG A 142 -10.37 8.38 9.83
C ARG A 142 -11.78 8.46 9.26
N TYR A 143 -11.88 8.24 7.95
CA TYR A 143 -13.12 8.40 7.21
C TYR A 143 -14.16 7.37 7.64
N ASN A 144 -13.71 6.17 7.95
CA ASN A 144 -14.62 5.07 8.27
C ASN A 144 -15.09 5.08 9.72
N HIS A 145 -14.44 5.90 10.55
CA HIS A 145 -14.83 6.02 11.95
C HIS A 145 -15.05 7.48 12.32
N ALA A 146 -15.41 8.28 11.32
CA ALA A 146 -15.55 9.72 11.51
C ALA A 146 -16.58 10.05 12.58
N GLU A 147 -17.67 9.30 12.65
CA GLU A 147 -18.68 9.52 13.68
C GLU A 147 -18.11 9.37 15.07
N GLU A 148 -17.41 8.27 15.31
CA GLU A 148 -16.85 7.99 16.63
C GLU A 148 -15.75 8.98 16.97
N LEU A 149 -14.89 9.26 16.00
CA LEU A 149 -13.77 10.15 16.23
C LEU A 149 -14.22 11.58 16.51
N ASP A 150 -15.19 12.05 15.73
CA ASP A 150 -15.67 13.42 15.89
C ASP A 150 -16.41 13.66 17.21
N ALA A 151 -17.01 12.61 17.76
CA ALA A 151 -17.81 12.75 18.97
C ALA A 151 -16.93 12.90 20.21
N ILE A 152 -15.64 12.62 20.07
CA ILE A 152 -14.73 12.71 21.19
C ILE A 152 -14.37 14.17 21.42
N THR A 153 -14.69 14.68 22.60
CA THR A 153 -14.52 16.10 22.90
C THR A 153 -13.06 16.43 23.17
N ASP A 154 -12.34 15.49 23.79
CA ASP A 154 -10.92 15.70 24.09
C ASP A 154 -10.05 15.37 22.87
N GLU A 155 -9.21 16.32 22.50
CA GLU A 155 -8.34 16.19 21.33
C GLU A 155 -7.34 15.04 21.49
N LYS A 156 -6.76 14.92 22.68
CA LYS A 156 -5.72 13.93 22.94
C LYS A 156 -6.29 12.51 22.91
N GLU A 157 -7.55 12.38 23.31
CA GLU A 157 -8.21 11.08 23.34
C GLU A 157 -8.71 10.72 21.95
N ARG A 158 -8.87 11.73 21.10
CA ARG A 158 -9.25 11.51 19.72
C ARG A 158 -8.03 11.00 18.96
N VAL A 159 -6.87 11.61 19.25
CA VAL A 159 -5.62 11.18 18.64
C VAL A 159 -5.26 9.77 19.09
N ILE A 160 -5.46 9.50 20.39
CA ILE A 160 -5.22 8.17 20.95
C ILE A 160 -6.15 7.16 20.26
N ARG A 161 -7.41 7.53 20.10
CA ARG A 161 -8.38 6.61 19.52
C ARG A 161 -8.03 6.27 18.07
N ILE A 162 -7.74 7.28 17.27
CA ILE A 162 -7.40 7.02 15.87
C ILE A 162 -6.11 6.21 15.79
N ALA A 163 -5.20 6.39 16.76
CA ALA A 163 -3.96 5.60 16.77
C ALA A 163 -4.23 4.12 17.09
N GLN A 164 -5.20 3.87 17.98
CA GLN A 164 -5.60 2.51 18.32
C GLN A 164 -6.33 1.80 17.17
N LEU A 165 -7.18 2.56 16.47
CA LEU A 165 -7.88 2.00 15.32
C LEU A 165 -6.85 1.67 14.26
N ASN A 166 -5.82 2.48 14.19
CA ASN A 166 -4.72 2.23 13.26
C ASN A 166 -3.98 0.93 13.59
N VAL A 167 -3.76 0.69 14.88
CA VAL A 167 -3.17 -0.59 15.27
C VAL A 167 -4.06 -1.75 14.86
N GLU A 168 -5.36 -1.62 15.08
CA GLU A 168 -6.29 -2.69 14.74
C GLU A 168 -6.25 -3.01 13.22
N ALA A 169 -6.22 -1.95 12.41
CA ALA A 169 -6.20 -2.14 10.96
C ALA A 169 -4.89 -2.81 10.54
N GLY A 170 -3.79 -2.38 11.14
CA GLY A 170 -2.50 -2.93 10.80
C GLY A 170 -2.44 -4.40 11.17
N ILE A 171 -3.06 -4.75 12.28
CA ILE A 171 -3.15 -6.15 12.69
C ILE A 171 -3.89 -6.95 11.62
N LYS A 172 -5.03 -6.44 11.15
CA LYS A 172 -5.77 -7.14 10.08
C LYS A 172 -4.87 -7.42 8.86
N VAL A 173 -4.12 -6.39 8.45
CA VAL A 173 -3.20 -6.54 7.33
C VAL A 173 -2.13 -7.62 7.59
N LEU A 174 -1.52 -7.57 8.78
CA LEU A 174 -0.53 -8.58 9.19
C LEU A 174 -1.11 -10.00 9.16
N MET A 175 -2.36 -10.11 9.57
CA MET A 175 -3.04 -11.39 9.65
C MET A 175 -3.43 -11.89 8.27
N ASN A 176 -3.41 -10.99 7.28
CA ASN A 176 -3.63 -11.42 5.90
C ASN A 176 -2.35 -11.62 5.10
N ASN A 177 -1.23 -11.24 5.70
CA ASN A 177 0.08 -11.52 5.12
C ASN A 177 0.32 -13.01 4.99
N PRO A 178 0.76 -13.48 3.82
CA PRO A 178 0.93 -14.92 3.57
C PRO A 178 2.00 -15.60 4.45
N THR A 179 3.13 -14.94 4.67
CA THR A 179 4.20 -15.52 5.46
C THR A 179 3.77 -15.67 6.92
N ILE A 180 3.05 -14.66 7.38
CA ILE A 180 2.58 -14.62 8.76
C ILE A 180 1.52 -15.68 8.94
N ARG A 181 0.66 -15.79 7.93
CA ARG A 181 -0.48 -16.71 7.97
C ARG A 181 -0.01 -18.17 7.93
N GLU A 182 0.99 -18.45 7.11
CA GLU A 182 1.57 -19.78 7.07
C GLU A 182 2.24 -20.11 8.39
N ALA A 183 3.03 -19.16 8.89
CA ALA A 183 3.79 -19.39 10.12
C ALA A 183 2.85 -19.59 11.31
N ILE A 184 1.66 -18.97 11.25
CA ILE A 184 0.65 -19.20 12.26
C ILE A 184 0.14 -20.62 12.12
N ALA A 185 -0.10 -21.04 10.89
CA ALA A 185 -0.70 -22.34 10.64
C ALA A 185 0.21 -23.51 11.03
N GLU A 186 1.53 -23.34 10.88
CA GLU A 186 2.44 -24.47 11.14
C GLU A 186 3.38 -24.34 12.34
N ARG A 187 3.68 -23.10 12.75
CA ARG A 187 4.61 -22.88 13.86
C ARG A 187 3.96 -22.28 15.09
N GLY A 188 2.72 -21.85 14.95
CA GLY A 188 2.04 -21.19 16.04
C GLY A 188 2.62 -19.82 16.29
N LEU A 189 2.94 -19.12 15.21
CA LEU A 189 3.39 -17.74 15.30
C LEU A 189 2.28 -16.92 15.93
N GLU A 190 2.63 -16.03 16.84
CA GLU A 190 1.62 -15.20 17.48
C GLU A 190 1.72 -13.75 17.06
N VAL A 191 0.58 -13.09 16.99
CA VAL A 191 0.53 -11.69 16.60
C VAL A 191 -0.29 -10.90 17.62
N HIS A 192 0.24 -9.76 18.06
CA HIS A 192 -0.34 -8.98 19.13
C HIS A 192 -0.44 -7.50 18.75
N GLY A 193 -1.59 -6.91 19.04
CA GLY A 193 -1.75 -5.48 18.87
C GLY A 193 -1.65 -4.81 20.22
N VAL A 194 -0.69 -3.92 20.39
CA VAL A 194 -0.52 -3.26 21.68
C VAL A 194 -0.49 -1.74 21.56
N PHE A 195 -0.60 -1.10 22.72
CA PHE A 195 -0.63 0.35 22.80
C PHE A 195 0.24 0.85 23.95
N PHE A 196 1.20 1.69 23.59
CA PHE A 196 2.13 2.30 24.52
C PHE A 196 1.61 3.68 24.90
N ASP A 197 1.22 3.82 26.16
CA ASP A 197 0.70 5.08 26.63
C ASP A 197 1.84 5.85 27.30
N ILE A 198 2.32 6.90 26.63
CA ILE A 198 3.52 7.61 27.05
C ILE A 198 3.39 8.29 28.41
N GLY A 199 2.20 8.80 28.70
CA GLY A 199 1.94 9.44 29.98
C GLY A 199 2.25 8.58 31.20
N CYS A 200 1.97 7.28 31.14
CA CYS A 200 2.25 6.40 32.27
C CYS A 200 3.39 5.42 31.97
N GLY A 201 3.84 5.41 30.72
CA GLY A 201 4.95 4.58 30.30
C GLY A 201 4.62 3.10 30.21
N ARG A 202 3.34 2.77 30.26
CA ARG A 202 2.89 1.38 30.25
C ARG A 202 2.34 0.94 28.88
N ILE A 203 2.47 -0.35 28.60
CA ILE A 203 1.97 -0.94 27.36
C ILE A 203 0.80 -1.87 27.68
N LYS A 204 -0.30 -1.70 26.95
CA LYS A 204 -1.47 -2.54 27.16
C LYS A 204 -1.79 -3.30 25.88
N GLU A 205 -2.51 -4.42 26.02
CA GLU A 205 -2.99 -5.14 24.85
C GLU A 205 -4.29 -4.53 24.36
N LEU A 206 -4.47 -4.46 23.05
CA LEU A 206 -5.72 -3.91 22.51
C LEU A 206 -6.77 -4.99 22.26
N GLY A 207 -6.35 -6.25 22.34
CA GLY A 207 -7.27 -7.36 22.21
C GLY A 207 -7.49 -7.75 20.76
N CYS A 208 -6.52 -7.43 19.92
CA CYS A 208 -6.58 -7.79 18.51
C CYS A 208 -5.30 -8.53 18.13
N GLY A 209 -5.47 -9.61 17.37
CA GLY A 209 -4.33 -10.42 16.99
C GLY A 209 -4.69 -11.88 16.89
N THR A 210 -3.68 -12.72 17.07
CA THR A 210 -3.84 -14.16 16.91
C THR A 210 -4.73 -14.81 17.99
N ALA A 211 -4.70 -14.30 19.22
CA ALA A 211 -5.49 -14.87 20.31
C ALA A 211 -5.41 -14.00 21.55
N ASN B 16 14.09 -10.56 -33.13
CA ASN B 16 13.26 -10.90 -34.29
C ASN B 16 11.94 -10.15 -34.33
N THR B 17 11.10 -10.40 -33.34
CA THR B 17 9.82 -9.72 -33.20
C THR B 17 10.04 -8.28 -32.75
N PHE B 18 11.14 -8.05 -32.05
CA PHE B 18 11.55 -6.70 -31.69
C PHE B 18 11.91 -5.90 -32.94
N HIS B 19 12.66 -6.50 -33.85
CA HIS B 19 13.05 -5.83 -35.08
C HIS B 19 11.84 -5.64 -35.99
N TYR B 20 10.88 -6.56 -35.90
CA TYR B 20 9.64 -6.39 -36.63
C TYR B 20 8.86 -5.23 -36.04
N ALA B 21 8.90 -5.08 -34.72
CA ALA B 21 8.20 -3.99 -34.06
C ALA B 21 8.78 -2.66 -34.50
N LEU B 22 10.10 -2.62 -34.68
CA LEU B 22 10.73 -1.40 -35.17
C LEU B 22 10.29 -1.10 -36.62
N SER B 23 10.29 -2.14 -37.46
CA SER B 23 9.84 -1.97 -38.85
C SER B 23 8.41 -1.45 -38.90
N SER B 24 7.55 -2.02 -38.06
CA SER B 24 6.13 -1.66 -38.02
C SER B 24 5.94 -0.25 -37.49
N ASN B 25 6.82 0.16 -36.58
CA ASN B 25 6.78 1.54 -36.12
C ASN B 25 7.10 2.49 -37.25
N ASN B 26 8.16 2.20 -38.00
CA ASN B 26 8.52 3.04 -39.14
C ASN B 26 7.42 3.07 -40.23
N ALA B 27 6.72 1.95 -40.39
CA ALA B 27 5.64 1.87 -41.36
C ALA B 27 4.43 2.69 -40.92
N TRP B 28 4.06 2.53 -39.65
CA TRP B 28 2.94 3.27 -39.09
C TRP B 28 3.22 4.77 -39.12
N ALA B 29 4.45 5.13 -38.80
CA ALA B 29 4.86 6.54 -38.80
C ALA B 29 4.84 7.11 -40.21
N GLY B 30 5.31 6.33 -41.19
CA GLY B 30 5.30 6.80 -42.56
C GLY B 30 3.89 7.01 -43.08
N TYR B 31 3.02 6.05 -42.81
CA TYR B 31 1.66 6.11 -43.33
C TYR B 31 0.93 7.29 -42.66
N LYS B 32 1.07 7.40 -41.34
CA LYS B 32 0.51 8.52 -40.58
C LYS B 32 1.05 9.88 -41.03
N ALA B 33 2.32 9.91 -41.42
CA ALA B 33 2.96 11.15 -41.83
C ALA B 33 2.47 11.55 -43.22
N HIS B 34 2.04 10.58 -44.02
CA HIS B 34 1.39 10.91 -45.28
C HIS B 34 -0.05 11.35 -45.06
N GLN B 35 -0.73 10.65 -44.14
CA GLN B 35 -2.12 10.94 -43.81
C GLN B 35 -2.27 12.37 -43.31
N ASN B 36 -1.39 12.76 -42.40
CA ASN B 36 -1.41 14.11 -41.87
C ASN B 36 0.01 14.61 -41.64
N PRO B 37 0.51 15.45 -42.55
CA PRO B 37 1.87 16.00 -42.44
C PRO B 37 2.07 16.90 -41.22
N HIS B 38 0.98 17.25 -40.52
CA HIS B 38 1.09 18.11 -39.34
C HIS B 38 0.82 17.35 -38.05
N PHE B 39 0.54 16.05 -38.17
CA PHE B 39 0.17 15.25 -37.01
C PHE B 39 1.28 15.14 -35.96
N PHE B 40 2.45 14.69 -36.42
CA PHE B 40 3.60 14.53 -35.53
C PHE B 40 4.16 15.88 -35.05
N PRO B 41 4.27 16.88 -35.94
CA PRO B 41 4.75 18.16 -35.43
C PRO B 41 3.86 18.78 -34.36
N LYS B 42 2.55 18.59 -34.43
CA LYS B 42 1.68 19.09 -33.36
C LYS B 42 1.78 18.21 -32.11
N LEU B 43 1.96 16.91 -32.32
CA LEU B 43 2.12 15.97 -31.22
C LEU B 43 3.35 16.32 -30.38
N ALA B 44 4.44 16.68 -31.05
CA ALA B 44 5.67 17.00 -30.35
C ALA B 44 5.53 18.33 -29.62
N GLY B 45 4.48 19.08 -29.97
CA GLY B 45 4.23 20.39 -29.39
C GLY B 45 3.79 20.33 -27.94
N GLY B 46 3.08 19.26 -27.60
CA GLY B 46 2.60 19.10 -26.25
C GLY B 46 1.45 18.12 -26.21
N GLN B 47 0.90 17.93 -25.03
CA GLN B 47 -0.24 17.02 -24.85
C GLN B 47 -1.33 17.70 -24.03
N ALA B 48 -2.58 17.33 -24.30
CA ALA B 48 -3.70 17.78 -23.48
C ALA B 48 -4.72 16.66 -23.29
N PRO B 49 -4.28 15.51 -22.76
CA PRO B 49 -5.21 14.40 -22.62
C PRO B 49 -6.28 14.72 -21.61
N GLU B 50 -7.48 14.19 -21.81
CA GLU B 50 -8.59 14.49 -20.92
C GLU B 50 -8.94 13.30 -20.05
N ILE B 51 -8.25 12.18 -20.29
CA ILE B 51 -8.48 10.95 -19.54
C ILE B 51 -7.20 10.38 -18.96
N LEU B 52 -7.23 10.06 -17.67
CA LEU B 52 -6.22 9.18 -17.08
C LEU B 52 -6.79 7.77 -17.03
N TRP B 53 -6.12 6.83 -17.69
CA TRP B 53 -6.54 5.45 -17.73
C TRP B 53 -5.63 4.62 -16.84
N ILE B 54 -6.22 3.94 -15.87
CA ILE B 54 -5.46 3.00 -15.04
C ILE B 54 -5.95 1.59 -15.32
N GLY B 55 -5.09 0.77 -15.90
CA GLY B 55 -5.51 -0.56 -16.28
C GLY B 55 -4.49 -1.66 -16.00
N CYS B 56 -4.87 -2.86 -16.42
CA CYS B 56 -4.03 -4.04 -16.25
C CYS B 56 -2.95 -4.09 -17.32
N SER B 57 -1.78 -4.58 -16.95
CA SER B 57 -0.65 -4.71 -17.86
C SER B 57 -0.91 -5.69 -19.01
N ASP B 58 -1.98 -6.48 -18.87
CA ASP B 58 -2.40 -7.47 -19.86
C ASP B 58 -2.22 -6.98 -21.29
N SER B 59 -1.65 -7.83 -22.14
CA SER B 59 -1.35 -7.45 -23.51
C SER B 59 -2.63 -7.22 -24.33
N ARG B 60 -3.75 -7.75 -23.84
CA ARG B 60 -5.01 -7.65 -24.56
C ARG B 60 -5.76 -6.37 -24.22
N CYS B 61 -5.14 -5.50 -23.43
CA CYS B 61 -5.80 -4.28 -22.99
C CYS B 61 -5.08 -2.97 -23.34
N PRO B 62 -4.69 -2.78 -24.62
CA PRO B 62 -4.11 -1.47 -24.93
C PRO B 62 -5.20 -0.41 -25.00
N GLU B 63 -5.21 0.47 -24.00
CA GLU B 63 -6.28 1.43 -23.81
C GLU B 63 -6.64 2.23 -25.06
N THR B 64 -5.64 2.70 -25.79
CA THR B 64 -5.88 3.65 -26.88
C THR B 64 -6.47 2.94 -28.09
N THR B 65 -6.15 1.65 -28.26
CA THR B 65 -6.69 0.86 -29.35
C THR B 65 -8.14 0.45 -29.08
N ILE B 66 -8.39 -0.09 -27.89
CA ILE B 66 -9.71 -0.63 -27.56
C ILE B 66 -10.73 0.49 -27.37
N LEU B 67 -10.25 1.71 -27.17
CA LEU B 67 -11.12 2.88 -27.11
C LEU B 67 -11.22 3.56 -28.47
N GLY B 68 -10.47 3.06 -29.44
CA GLY B 68 -10.47 3.62 -30.77
C GLY B 68 -10.09 5.09 -30.80
N MET B 69 -9.06 5.45 -30.05
CA MET B 69 -8.61 6.84 -30.00
C MET B 69 -7.19 7.01 -30.53
N GLN B 70 -6.66 8.23 -30.37
CA GLN B 70 -5.41 8.61 -31.00
C GLN B 70 -4.32 8.86 -29.95
N PRO B 71 -3.04 8.74 -30.36
CA PRO B 71 -1.97 9.16 -29.45
C PRO B 71 -2.12 10.62 -29.04
N GLY B 72 -2.21 10.87 -27.73
CA GLY B 72 -2.26 12.24 -27.23
C GLY B 72 -3.48 12.58 -26.41
N ASP B 73 -4.38 11.63 -26.21
CA ASP B 73 -5.61 11.92 -25.47
C ASP B 73 -5.88 10.97 -24.31
N VAL B 74 -5.05 9.96 -24.13
CA VAL B 74 -5.16 9.09 -22.97
C VAL B 74 -3.82 8.97 -22.24
N PHE B 75 -3.79 9.51 -21.03
CA PHE B 75 -2.64 9.43 -20.14
C PHE B 75 -2.77 8.14 -19.33
N VAL B 76 -1.80 7.23 -19.37
CA VAL B 76 -2.09 5.91 -18.79
C VAL B 76 -1.03 5.36 -17.83
N HIS B 77 -1.54 4.64 -16.82
CA HIS B 77 -0.74 3.80 -15.93
C HIS B 77 -1.27 2.37 -16.05
N ARG B 78 -0.37 1.41 -16.14
CA ARG B 78 -0.77 0.01 -16.24
C ARG B 78 0.07 -0.88 -15.32
N ASN B 79 -0.60 -1.70 -14.52
CA ASN B 79 0.12 -2.67 -13.70
C ASN B 79 -0.59 -4.01 -13.61
N ILE B 80 -0.02 -4.91 -12.82
CA ILE B 80 -0.61 -6.22 -12.63
C ILE B 80 -1.97 -6.09 -11.96
N ALA B 81 -3.00 -6.52 -12.69
CA ALA B 81 -4.37 -6.60 -12.17
C ALA B 81 -4.98 -5.25 -11.82
N ASN B 82 -4.51 -4.19 -12.49
CA ASN B 82 -5.01 -2.82 -12.28
C ASN B 82 -5.30 -2.46 -10.82
N ILE B 83 -4.31 -2.69 -9.97
CA ILE B 83 -4.48 -2.51 -8.54
C ILE B 83 -4.12 -1.11 -8.11
N VAL B 84 -5.03 -0.45 -7.39
CA VAL B 84 -4.73 0.86 -6.86
C VAL B 84 -4.46 0.77 -5.36
N SER B 85 -3.21 0.92 -4.98
CA SER B 85 -2.80 0.82 -3.59
C SER B 85 -2.56 2.20 -2.98
N PRO B 86 -3.06 2.43 -1.76
CA PRO B 86 -3.00 3.73 -1.07
C PRO B 86 -1.60 4.34 -0.97
N THR B 87 -0.59 3.55 -0.60
CA THR B 87 0.76 4.08 -0.39
C THR B 87 1.71 3.85 -1.58
N ASP B 88 1.22 3.22 -2.64
CA ASP B 88 2.08 2.97 -3.79
C ASP B 88 2.44 4.26 -4.51
N ILE B 89 3.73 4.57 -4.55
CA ILE B 89 4.23 5.84 -5.07
C ILE B 89 4.26 5.87 -6.61
N ASN B 90 4.44 4.70 -7.21
CA ASN B 90 4.47 4.56 -8.66
C ASN B 90 3.15 5.07 -9.26
N THR B 91 2.04 4.55 -8.75
CA THR B 91 0.71 4.91 -9.25
C THR B 91 0.37 6.35 -8.88
N THR B 92 0.72 6.72 -7.65
CA THR B 92 0.39 8.03 -7.09
C THR B 92 1.09 9.15 -7.84
N ALA B 93 2.28 8.86 -8.38
CA ALA B 93 2.99 9.83 -9.20
C ALA B 93 2.22 10.10 -10.49
N VAL B 94 1.71 9.02 -11.08
CA VAL B 94 0.98 9.14 -12.33
C VAL B 94 -0.31 9.92 -12.10
N ILE B 95 -0.99 9.60 -11.01
CA ILE B 95 -2.23 10.29 -10.64
C ILE B 95 -1.98 11.78 -10.35
N GLU B 96 -0.96 12.08 -9.56
CA GLU B 96 -0.67 13.46 -9.23
C GLU B 96 -0.28 14.28 -10.46
N TYR B 97 0.54 13.71 -11.34
CA TYR B 97 0.93 14.44 -12.54
C TYR B 97 -0.27 14.64 -13.47
N ALA B 98 -1.12 13.63 -13.56
CA ALA B 98 -2.27 13.69 -14.45
C ALA B 98 -3.31 14.70 -13.99
N VAL B 99 -3.56 14.73 -12.68
CA VAL B 99 -4.64 15.53 -12.12
C VAL B 99 -4.22 16.95 -11.77
N ALA B 100 -3.02 17.11 -11.22
CA ALA B 100 -2.62 18.43 -10.74
C ALA B 100 -1.86 19.22 -11.81
N HIS B 101 -1.33 18.54 -12.82
CA HIS B 101 -0.52 19.20 -13.83
C HIS B 101 -1.16 19.17 -15.21
N LEU B 102 -1.69 18.01 -15.61
CA LEU B 102 -2.33 17.93 -16.92
C LEU B 102 -3.79 18.33 -16.83
N LYS B 103 -4.35 18.32 -15.62
CA LYS B 103 -5.74 18.68 -15.39
C LYS B 103 -6.68 17.81 -16.19
N VAL B 104 -6.49 16.49 -16.17
CA VAL B 104 -7.42 15.59 -16.84
C VAL B 104 -8.79 15.70 -16.18
N LYS B 105 -9.84 15.46 -16.95
CA LYS B 105 -11.19 15.67 -16.46
C LYS B 105 -11.85 14.36 -16.05
N HIS B 106 -11.26 13.25 -16.49
CA HIS B 106 -11.80 11.93 -16.21
C HIS B 106 -10.73 10.95 -15.79
N ILE B 107 -11.04 10.14 -14.79
CA ILE B 107 -10.17 9.04 -14.40
C ILE B 107 -10.91 7.72 -14.56
N VAL B 108 -10.37 6.85 -15.40
CA VAL B 108 -10.99 5.57 -15.71
C VAL B 108 -10.17 4.40 -15.17
N LEU B 109 -10.66 3.78 -14.11
CA LEU B 109 -10.05 2.58 -13.57
C LEU B 109 -10.71 1.37 -14.20
N CYS B 110 -9.93 0.63 -15.00
CA CYS B 110 -10.49 -0.46 -15.81
C CYS B 110 -10.02 -1.86 -15.41
N GLY B 111 -10.95 -2.71 -15.02
CA GLY B 111 -10.65 -4.12 -14.83
C GLY B 111 -11.10 -4.87 -16.07
N HIS B 112 -10.72 -6.14 -16.18
CA HIS B 112 -11.08 -6.91 -17.36
C HIS B 112 -11.25 -8.40 -17.06
N SER B 113 -11.83 -9.13 -18.01
CA SER B 113 -12.04 -10.56 -17.86
C SER B 113 -10.76 -11.33 -18.11
N ALA B 114 -10.67 -12.53 -17.54
CA ALA B 114 -9.50 -13.40 -17.67
C ALA B 114 -8.24 -12.71 -17.16
N CYS B 115 -8.37 -11.97 -16.07
CA CYS B 115 -7.22 -11.29 -15.49
C CYS B 115 -6.35 -12.29 -14.75
N GLY B 116 -5.07 -12.31 -15.09
CA GLY B 116 -4.12 -13.25 -14.51
C GLY B 116 -3.89 -12.99 -13.03
N GLY B 117 -3.88 -11.72 -12.64
CA GLY B 117 -3.67 -11.37 -11.25
C GLY B 117 -4.86 -11.77 -10.40
N ALA B 118 -6.06 -11.58 -10.95
CA ALA B 118 -7.30 -11.99 -10.28
C ALA B 118 -7.30 -13.49 -10.03
N ALA B 119 -7.02 -14.23 -11.09
CA ALA B 119 -6.90 -15.69 -11.03
C ALA B 119 -5.84 -16.09 -10.00
N GLY B 120 -4.75 -15.33 -9.95
CA GLY B 120 -3.71 -15.59 -8.98
C GLY B 120 -4.19 -15.41 -7.55
N ALA B 121 -4.99 -14.38 -7.32
CA ALA B 121 -5.52 -14.08 -5.99
C ALA B 121 -6.56 -15.11 -5.56
N LEU B 122 -7.21 -15.72 -6.54
CA LEU B 122 -8.20 -16.77 -6.27
C LEU B 122 -7.56 -18.10 -5.90
N SER B 123 -6.32 -18.29 -6.36
CA SER B 123 -5.56 -19.50 -6.06
C SER B 123 -5.08 -19.54 -4.61
N ASP B 124 -4.70 -20.70 -4.14
CA ASP B 124 -4.23 -20.84 -2.76
C ASP B 124 -2.72 -21.04 -2.66
N GLY B 125 -2.04 -20.99 -3.80
CA GLY B 125 -0.60 -21.17 -3.82
C GLY B 125 0.21 -19.89 -3.78
N ARG B 126 1.48 -20.02 -3.41
CA ARG B 126 2.40 -18.90 -3.54
C ARG B 126 2.77 -18.74 -5.00
N ILE B 127 2.53 -17.55 -5.54
CA ILE B 127 2.89 -17.25 -6.91
C ILE B 127 4.40 -17.02 -7.00
N GLY B 128 4.98 -16.63 -5.88
CA GLY B 128 6.41 -16.42 -5.79
C GLY B 128 6.86 -15.01 -6.09
N GLY B 129 8.07 -14.71 -5.63
CA GLY B 129 8.65 -13.40 -5.79
C GLY B 129 7.84 -12.30 -5.16
N VAL B 130 7.79 -11.17 -5.85
CA VAL B 130 7.12 -9.98 -5.38
C VAL B 130 5.60 -10.05 -5.52
N LEU B 131 5.12 -10.95 -6.38
CA LEU B 131 3.72 -10.96 -6.78
C LEU B 131 2.70 -11.24 -5.66
N ASP B 132 3.05 -12.10 -4.71
CA ASP B 132 2.14 -12.36 -3.59
C ASP B 132 1.91 -11.12 -2.74
N THR B 133 2.93 -10.28 -2.64
CA THR B 133 2.80 -9.03 -1.90
C THR B 133 2.00 -8.00 -2.70
N TRP B 134 2.26 -7.94 -4.00
CA TRP B 134 1.55 -6.99 -4.86
C TRP B 134 0.06 -7.29 -4.96
N LEU B 135 -0.29 -8.57 -5.05
CA LEU B 135 -1.69 -8.98 -5.17
C LEU B 135 -2.43 -9.02 -3.83
N LEU B 136 -1.74 -8.68 -2.74
CA LEU B 136 -2.33 -8.76 -1.41
C LEU B 136 -3.65 -7.98 -1.26
N PRO B 137 -3.75 -6.75 -1.82
CA PRO B 137 -5.06 -6.10 -1.70
C PRO B 137 -6.16 -6.78 -2.50
N LEU B 138 -5.79 -7.59 -3.49
CA LEU B 138 -6.79 -8.35 -4.21
C LEU B 138 -7.17 -9.59 -3.40
N LYS B 139 -6.19 -10.19 -2.74
CA LYS B 139 -6.43 -11.32 -1.84
C LYS B 139 -7.31 -10.89 -0.65
N THR B 140 -7.14 -9.64 -0.23
CA THR B 140 -7.97 -9.07 0.82
C THR B 140 -9.40 -8.93 0.32
N VAL B 141 -9.54 -8.56 -0.95
CA VAL B 141 -10.84 -8.52 -1.58
C VAL B 141 -11.41 -9.93 -1.67
N ARG B 142 -10.55 -10.91 -1.89
CA ARG B 142 -10.98 -12.31 -1.96
C ARG B 142 -11.59 -12.75 -0.65
N TYR B 143 -10.89 -12.45 0.45
CA TYR B 143 -11.30 -12.87 1.79
C TYR B 143 -12.59 -12.21 2.27
N ASN B 144 -12.80 -10.97 1.88
CA ASN B 144 -13.95 -10.21 2.37
C ASN B 144 -15.23 -10.49 1.59
N HIS B 145 -15.10 -11.20 0.46
CA HIS B 145 -16.25 -11.61 -0.33
C HIS B 145 -16.18 -13.11 -0.61
N ALA B 146 -15.47 -13.84 0.27
CA ALA B 146 -15.20 -15.26 0.05
C ALA B 146 -16.49 -16.07 -0.11
N GLU B 147 -17.51 -15.68 0.67
CA GLU B 147 -18.79 -16.36 0.62
C GLU B 147 -19.35 -16.32 -0.78
N GLU B 148 -19.36 -15.11 -1.33
CA GLU B 148 -19.91 -14.85 -2.65
C GLU B 148 -19.11 -15.50 -3.78
N LEU B 149 -17.80 -15.39 -3.72
CA LEU B 149 -16.93 -15.91 -4.76
C LEU B 149 -16.96 -17.45 -4.80
N ASP B 150 -16.96 -18.06 -3.62
CA ASP B 150 -16.97 -19.52 -3.54
C ASP B 150 -18.30 -20.09 -4.06
N ALA B 151 -19.35 -19.28 -4.02
CA ALA B 151 -20.68 -19.72 -4.43
C ALA B 151 -20.83 -19.84 -5.95
N ILE B 152 -19.89 -19.24 -6.68
CA ILE B 152 -19.88 -19.30 -8.14
C ILE B 152 -19.24 -20.60 -8.62
N THR B 153 -19.99 -21.41 -9.34
CA THR B 153 -19.48 -22.72 -9.76
C THR B 153 -18.47 -22.57 -10.89
N ASP B 154 -18.71 -21.60 -11.76
CA ASP B 154 -17.85 -21.40 -12.92
C ASP B 154 -16.59 -20.61 -12.57
N GLU B 155 -15.44 -21.18 -12.88
CA GLU B 155 -14.15 -20.58 -12.52
C GLU B 155 -13.91 -19.24 -13.21
N LYS B 156 -14.26 -19.17 -14.49
CA LYS B 156 -13.99 -17.95 -15.26
C LYS B 156 -14.90 -16.81 -14.81
N GLU B 157 -16.09 -17.16 -14.33
CA GLU B 157 -17.02 -16.15 -13.87
C GLU B 157 -16.61 -15.69 -12.47
N ARG B 158 -15.86 -16.55 -11.80
CA ARG B 158 -15.34 -16.23 -10.48
C ARG B 158 -14.18 -15.24 -10.66
N VAL B 159 -13.36 -15.48 -11.67
CA VAL B 159 -12.25 -14.60 -12.00
C VAL B 159 -12.77 -13.21 -12.43
N ILE B 160 -13.82 -13.23 -13.25
CA ILE B 160 -14.46 -11.99 -13.68
C ILE B 160 -15.03 -11.25 -12.48
N ARG B 161 -15.69 -11.98 -11.57
CA ARG B 161 -16.31 -11.33 -10.43
C ARG B 161 -15.27 -10.66 -9.54
N ILE B 162 -14.21 -11.39 -9.19
CA ILE B 162 -13.19 -10.79 -8.32
C ILE B 162 -12.51 -9.61 -9.03
N ALA B 163 -12.44 -9.64 -10.37
CA ALA B 163 -11.89 -8.49 -11.10
C ALA B 163 -12.79 -7.25 -10.98
N GLN B 164 -14.11 -7.49 -10.97
CA GLN B 164 -15.07 -6.40 -10.80
C GLN B 164 -15.00 -5.82 -9.39
N LEU B 165 -14.88 -6.71 -8.40
CA LEU B 165 -14.78 -6.27 -7.03
C LEU B 165 -13.48 -5.49 -6.81
N ASN B 166 -12.43 -5.91 -7.52
CA ASN B 166 -11.14 -5.23 -7.45
C ASN B 166 -11.26 -3.81 -8.00
N VAL B 167 -12.03 -3.66 -9.08
CA VAL B 167 -12.29 -2.33 -9.61
C VAL B 167 -13.03 -1.47 -8.59
N GLU B 168 -14.04 -2.04 -7.93
CA GLU B 168 -14.78 -1.27 -6.94
C GLU B 168 -13.86 -0.78 -5.82
N ALA B 169 -12.97 -1.66 -5.36
CA ALA B 169 -12.05 -1.32 -4.29
C ALA B 169 -11.09 -0.22 -4.71
N GLY B 170 -10.58 -0.36 -5.93
CA GLY B 170 -9.61 0.61 -6.43
C GLY B 170 -10.26 1.98 -6.55
N ILE B 171 -11.53 1.97 -6.95
CA ILE B 171 -12.29 3.22 -7.01
C ILE B 171 -12.38 3.85 -5.62
N LYS B 172 -12.72 3.05 -4.60
CA LYS B 172 -12.77 3.60 -3.24
C LYS B 172 -11.47 4.29 -2.84
N VAL B 173 -10.35 3.62 -3.14
CA VAL B 173 -9.06 4.21 -2.83
C VAL B 173 -8.87 5.53 -3.58
N LEU B 174 -9.22 5.55 -4.87
CA LEU B 174 -9.14 6.77 -5.69
C LEU B 174 -9.98 7.92 -5.13
N MET B 175 -11.15 7.58 -4.59
CA MET B 175 -12.05 8.57 -4.05
C MET B 175 -11.53 9.06 -2.70
N ASN B 176 -10.58 8.33 -2.12
CA ASN B 176 -9.94 8.85 -0.91
C ASN B 176 -8.59 9.54 -1.13
N ASN B 177 -8.07 9.47 -2.36
CA ASN B 177 -6.88 10.25 -2.74
C ASN B 177 -7.17 11.74 -2.64
N PRO B 178 -6.31 12.49 -1.93
CA PRO B 178 -6.48 13.93 -1.70
C PRO B 178 -6.39 14.77 -2.98
N THR B 179 -5.47 14.42 -3.87
CA THR B 179 -5.27 15.13 -5.13
C THR B 179 -6.51 14.98 -6.00
N ILE B 180 -7.11 13.81 -5.93
CA ILE B 180 -8.29 13.50 -6.70
C ILE B 180 -9.52 14.24 -6.16
N ARG B 181 -9.69 14.22 -4.83
CA ARG B 181 -10.85 14.86 -4.23
C ARG B 181 -10.80 16.38 -4.32
N GLU B 182 -9.60 16.96 -4.25
CA GLU B 182 -9.47 18.40 -4.46
C GLU B 182 -9.95 18.75 -5.85
N ALA B 183 -9.55 17.93 -6.82
CA ALA B 183 -9.94 18.15 -8.20
C ALA B 183 -11.44 17.96 -8.42
N ILE B 184 -12.05 17.06 -7.65
CA ILE B 184 -13.49 16.88 -7.75
C ILE B 184 -14.21 18.11 -7.19
N ALA B 185 -13.72 18.58 -6.05
CA ALA B 185 -14.33 19.70 -5.33
C ALA B 185 -14.18 21.03 -6.07
N GLU B 186 -13.08 21.21 -6.80
CA GLU B 186 -12.80 22.50 -7.41
C GLU B 186 -12.94 22.55 -8.93
N ARG B 187 -12.75 21.41 -9.60
CA ARG B 187 -12.79 21.34 -11.06
C ARG B 187 -13.92 20.46 -11.60
N GLY B 188 -14.55 19.70 -10.73
CA GLY B 188 -15.55 18.74 -11.17
C GLY B 188 -14.93 17.54 -11.86
N LEU B 189 -13.82 17.06 -11.31
CA LEU B 189 -13.19 15.84 -11.80
C LEU B 189 -14.15 14.66 -11.67
N GLU B 190 -14.19 13.81 -12.69
CA GLU B 190 -15.04 12.62 -12.66
C GLU B 190 -14.21 11.36 -12.58
N VAL B 191 -14.74 10.36 -11.88
CA VAL B 191 -14.05 9.09 -11.71
C VAL B 191 -15.00 7.94 -12.08
N HIS B 192 -14.50 7.01 -12.89
CA HIS B 192 -15.31 5.92 -13.42
C HIS B 192 -14.62 4.57 -13.26
N GLY B 193 -15.38 3.60 -12.80
CA GLY B 193 -14.92 2.22 -12.74
C GLY B 193 -15.53 1.46 -13.90
N VAL B 194 -14.69 0.93 -14.77
CA VAL B 194 -15.21 0.21 -15.92
C VAL B 194 -14.63 -1.19 -16.03
N PHE B 195 -15.26 -1.98 -16.90
CA PHE B 195 -14.87 -3.36 -17.10
C PHE B 195 -14.87 -3.69 -18.59
N PHE B 196 -13.71 -4.13 -19.05
CA PHE B 196 -13.52 -4.51 -20.43
C PHE B 196 -13.70 -6.01 -20.60
N ASP B 197 -14.74 -6.39 -21.33
CA ASP B 197 -15.02 -7.80 -21.58
C ASP B 197 -14.38 -8.23 -22.89
N ILE B 198 -13.31 -9.02 -22.80
CA ILE B 198 -12.50 -9.36 -23.97
C ILE B 198 -13.29 -10.18 -24.99
N GLY B 199 -14.15 -11.07 -24.49
CA GLY B 199 -14.98 -11.89 -25.36
C GLY B 199 -15.81 -11.10 -26.35
N CYS B 200 -16.36 -9.97 -25.93
CA CYS B 200 -17.17 -9.14 -26.83
C CYS B 200 -16.46 -7.83 -27.16
N GLY B 201 -15.32 -7.59 -26.51
CA GLY B 201 -14.51 -6.42 -26.78
C GLY B 201 -15.11 -5.12 -26.28
N ARG B 202 -16.14 -5.23 -25.46
CA ARG B 202 -16.86 -4.04 -25.00
C ARG B 202 -16.45 -3.63 -23.59
N ILE B 203 -16.56 -2.33 -23.33
CA ILE B 203 -16.29 -1.76 -22.02
C ILE B 203 -17.59 -1.23 -21.44
N LYS B 204 -17.91 -1.68 -20.23
CA LYS B 204 -19.14 -1.27 -19.57
C LYS B 204 -18.80 -0.59 -18.26
N GLU B 205 -19.74 0.20 -17.75
CA GLU B 205 -19.58 0.80 -16.42
C GLU B 205 -20.02 -0.17 -15.34
N LEU B 206 -19.30 -0.21 -14.24
CA LEU B 206 -19.66 -1.08 -13.13
C LEU B 206 -20.57 -0.36 -12.12
N GLY B 207 -20.69 0.95 -12.26
CA GLY B 207 -21.58 1.74 -11.42
C GLY B 207 -20.97 2.23 -10.12
N CYS B 208 -19.65 2.39 -10.11
CA CYS B 208 -18.94 2.91 -8.95
C CYS B 208 -18.07 4.09 -9.38
N GLY B 209 -18.08 5.17 -8.59
CA GLY B 209 -17.35 6.37 -8.94
C GLY B 209 -18.00 7.64 -8.43
N THR B 210 -17.74 8.75 -9.12
CA THR B 210 -18.22 10.06 -8.70
C THR B 210 -19.74 10.24 -8.70
N ALA B 211 -20.42 9.65 -9.68
CA ALA B 211 -21.87 9.79 -9.80
C ALA B 211 -22.43 8.85 -10.87
#